data_2XWO
#
_entry.id   2XWO
#
_cell.length_a   47.860
_cell.length_b   74.760
_cell.length_c   87.170
_cell.angle_alpha   90.00
_cell.angle_beta   90.00
_cell.angle_gamma   90.00
#
_symmetry.space_group_name_H-M   'P 21 21 21'
#
loop_
_entity.id
_entity.type
_entity.pdbx_description
1 polymer 'SIALIC ACID-BINDING PERIPLASMIC PROTEIN SIAP'
2 non-polymer (2S,4S,5R,6R)-5-acetamido-2,4-dihydroxy-6-[(1R,2R)-1,2,3-trihydroxypropyl]oxane-2-carboxamide
3 water water
#
_entity_poly.entity_id   1
_entity_poly.type   'polypeptide(L)'
_entity_poly.pdbx_seq_one_letter_code
;ADYDLKFGMNAGTSSNEYKAAEMFAKEVKEKSQGKIEISLYPSSQLGDDRAMLKQLKDGSLDFTFAESARFQLFYPEAAV
FALPYVISNYNVAQKALFDTEFGKDLIKKMDKDLGVTLLSQAYNGTRQTTSNRAINSIADMKGLKLEVPNAATNLAYAKY
VGASPTPMAFSEVYLALQTNAVDGQENPLAAVQAQKFYEVQKFLAMTNHILNDQLYLVSNETYKELPEDLQKVVKDAAEN
AAKYHTKLFVDGEKDLVTFFEKQGVKITHPDLVPFKESMKPYYAEFVKQTGQKGESALKQIEAINPHHHHHH
;
_entity_poly.pdbx_strand_id   A
#
loop_
_chem_comp.id
_chem_comp.type
_chem_comp.name
_chem_comp.formula
SLM D-saccharide, beta linking (2S,4S,5R,6R)-5-acetamido-2,4-dihydroxy-6-[(1R,2R)-1,2,3-trihydroxypropyl]oxane-2-carboxamide 'C11 H20 N2 O8'
#
# COMPACT_ATOMS: atom_id res chain seq x y z
N ALA A 1 -6.89 30.31 0.50
CA ALA A 1 -8.28 29.89 0.12
C ALA A 1 -9.14 29.75 1.36
N ASP A 2 -10.44 29.60 1.17
CA ASP A 2 -11.36 29.40 2.29
C ASP A 2 -10.95 28.13 3.06
N TYR A 3 -10.55 27.10 2.33
CA TYR A 3 -10.04 25.86 2.94
C TYR A 3 -8.67 25.53 2.34
N ASP A 4 -7.62 25.85 3.10
CA ASP A 4 -6.24 25.56 2.73
C ASP A 4 -5.93 24.18 3.30
N LEU A 5 -6.11 23.17 2.48
CA LEU A 5 -6.01 21.77 2.98
C LEU A 5 -4.70 21.13 2.52
N LYS A 6 -4.34 20.06 3.22
CA LYS A 6 -3.03 19.40 3.06
C LYS A 6 -3.20 17.89 2.87
N PHE A 7 -2.44 17.31 1.93
CA PHE A 7 -2.50 15.88 1.63
C PHE A 7 -1.08 15.34 1.77
N GLY A 8 -0.83 14.52 2.79
CA GLY A 8 0.48 13.94 3.02
C GLY A 8 0.63 12.54 2.46
N MET A 9 1.86 12.19 2.03
CA MET A 9 2.13 10.86 1.52
C MET A 9 3.60 10.49 1.65
N ASN A 10 3.86 9.20 1.73
N ASN A 10 3.86 9.19 1.80
CA ASN A 10 5.20 8.72 1.79
CA ASN A 10 5.23 8.63 1.77
C ASN A 10 5.83 8.64 0.38
C ASN A 10 5.83 8.67 0.37
N ALA A 11 4.99 8.39 -0.63
CA ALA A 11 5.49 8.37 -2.03
C ALA A 11 6.05 9.73 -2.46
N GLY A 12 6.94 9.70 -3.44
CA GLY A 12 7.62 10.89 -3.90
C GLY A 12 7.00 11.51 -5.16
N THR A 13 7.64 12.55 -5.63
CA THR A 13 7.10 13.34 -6.70
C THR A 13 7.16 12.69 -8.06
N SER A 14 7.90 11.58 -8.20
CA SER A 14 7.91 10.84 -9.44
C SER A 14 6.93 9.67 -9.44
N SER A 15 6.16 9.51 -8.40
CA SER A 15 5.27 8.35 -8.26
C SER A 15 3.86 8.50 -8.88
N ASN A 16 3.23 7.34 -9.11
CA ASN A 16 1.81 7.27 -9.51
C ASN A 16 0.91 7.91 -8.47
N GLU A 17 1.19 7.64 -7.20
CA GLU A 17 0.39 8.15 -6.11
C GLU A 17 0.36 9.67 -6.16
N TYR A 18 1.54 10.29 -6.32
CA TYR A 18 1.62 11.76 -6.42
C TYR A 18 0.85 12.27 -7.62
N LYS A 19 1.00 11.60 -8.76
CA LYS A 19 0.30 12.01 -9.99
C LYS A 19 -1.22 12.00 -9.78
N ALA A 20 -1.74 10.96 -9.17
CA ALA A 20 -3.17 10.84 -8.93
C ALA A 20 -3.62 11.88 -7.90
N ALA A 21 -2.80 12.11 -6.87
CA ALA A 21 -3.12 13.17 -5.89
C ALA A 21 -3.14 14.57 -6.56
N GLU A 22 -2.27 14.82 -7.54
CA GLU A 22 -2.32 16.08 -8.28
C GLU A 22 -3.64 16.21 -9.04
N MET A 23 -4.11 15.13 -9.66
CA MET A 23 -5.39 15.14 -10.33
C MET A 23 -6.54 15.46 -9.37
N PHE A 24 -6.56 14.75 -8.26
CA PHE A 24 -7.50 15.04 -7.18
C PHE A 24 -7.49 16.53 -6.75
N ALA A 25 -6.31 17.06 -6.45
CA ALA A 25 -6.18 18.47 -6.05
C ALA A 25 -6.71 19.43 -7.10
N LYS A 26 -6.41 19.14 -8.36
CA LYS A 26 -6.85 20.01 -9.47
C LYS A 26 -8.37 20.02 -9.59
N GLU A 27 -8.98 18.84 -9.54
CA GLU A 27 -10.40 18.73 -9.68
C GLU A 27 -11.10 19.43 -8.51
N VAL A 28 -10.66 19.16 -7.30
CA VAL A 28 -11.29 19.79 -6.15
C VAL A 28 -11.19 21.34 -6.25
N LYS A 29 -10.00 21.90 -6.58
CA LYS A 29 -9.86 23.36 -6.72
C LYS A 29 -10.82 23.91 -7.80
N GLU A 30 -10.91 23.24 -8.94
CA GLU A 30 -11.79 23.67 -10.03
C GLU A 30 -13.28 23.57 -9.66
N LYS A 31 -13.70 22.42 -9.16
CA LYS A 31 -15.10 22.17 -8.94
C LYS A 31 -15.64 22.83 -7.67
N SER A 32 -14.75 23.21 -6.75
CA SER A 32 -15.13 24.01 -5.58
C SER A 32 -15.10 25.51 -5.90
N GLN A 33 -14.84 25.86 -7.15
CA GLN A 33 -14.73 27.27 -7.53
C GLN A 33 -13.66 28.02 -6.74
N GLY A 34 -12.54 27.35 -6.45
CA GLY A 34 -11.46 27.94 -5.71
C GLY A 34 -11.63 28.00 -4.20
N LYS A 35 -12.76 27.52 -3.67
CA LYS A 35 -12.94 27.55 -2.21
C LYS A 35 -11.97 26.63 -1.49
N ILE A 36 -11.60 25.49 -2.10
CA ILE A 36 -10.69 24.51 -1.51
C ILE A 36 -9.43 24.43 -2.37
N GLU A 37 -8.27 24.52 -1.73
CA GLU A 37 -6.97 24.26 -2.35
C GLU A 37 -6.28 23.19 -1.57
N ILE A 38 -5.78 22.17 -2.24
CA ILE A 38 -5.10 21.06 -1.59
C ILE A 38 -3.62 21.07 -2.01
N SER A 39 -2.75 21.26 -1.02
CA SER A 39 -1.32 21.24 -1.14
C SER A 39 -0.78 19.85 -0.78
N LEU A 40 0.24 19.40 -1.51
CA LEU A 40 0.78 18.03 -1.36
C LEU A 40 2.08 18.03 -0.58
N TYR A 41 2.23 17.05 0.30
CA TYR A 41 3.40 16.94 1.18
C TYR A 41 3.94 15.54 1.03
N PRO A 42 4.73 15.33 -0.02
CA PRO A 42 5.23 13.97 -0.32
C PRO A 42 6.50 13.57 0.46
N SER A 43 7.00 12.37 0.17
CA SER A 43 8.26 11.87 0.70
C SER A 43 8.39 11.86 2.21
N SER A 44 7.29 11.61 2.90
N SER A 44 7.26 11.64 2.86
CA SER A 44 7.32 11.44 4.34
CA SER A 44 7.15 11.52 4.31
C SER A 44 7.70 12.76 5.06
C SER A 44 7.75 12.71 5.07
N GLN A 45 7.55 13.90 4.38
N GLN A 45 7.59 13.90 4.51
CA GLN A 45 7.87 15.18 5.01
CA GLN A 45 8.03 15.09 5.19
C GLN A 45 7.24 15.30 6.39
C GLN A 45 7.20 15.40 6.42
N LEU A 46 5.99 14.81 6.53
CA LEU A 46 5.23 14.91 7.77
C LEU A 46 5.30 13.66 8.67
N GLY A 47 6.22 12.74 8.34
CA GLY A 47 6.29 11.41 8.96
C GLY A 47 5.75 10.34 8.01
N ASP A 48 5.70 9.10 8.47
CA ASP A 48 5.28 8.02 7.63
C ASP A 48 3.76 7.86 7.69
N ASP A 49 3.24 6.77 7.11
CA ASP A 49 1.80 6.58 7.10
C ASP A 49 1.17 6.43 8.49
N ARG A 50 1.84 5.71 9.38
CA ARG A 50 1.36 5.58 10.75
C ARG A 50 1.26 7.00 11.38
N ALA A 51 2.27 7.85 11.15
CA ALA A 51 2.26 9.22 11.72
C ALA A 51 1.17 10.06 11.07
N MET A 52 1.02 9.94 9.76
CA MET A 52 0.00 10.71 9.05
C MET A 52 -1.43 10.29 9.40
N LEU A 53 -1.67 9.01 9.65
CA LEU A 53 -2.96 8.56 10.16
C LEU A 53 -3.33 9.18 11.50
N LYS A 54 -2.34 9.31 12.40
CA LYS A 54 -2.53 10.01 13.66
C LYS A 54 -2.91 11.48 13.44
N GLN A 55 -2.28 12.10 12.46
CA GLN A 55 -2.56 13.48 12.15
C GLN A 55 -3.95 13.66 11.56
N LEU A 56 -4.42 12.72 10.73
CA LEU A 56 -5.82 12.80 10.32
C LEU A 56 -6.79 12.69 11.55
N LYS A 57 -6.50 11.74 12.44
CA LYS A 57 -7.31 11.55 13.64
C LYS A 57 -7.43 12.85 14.43
N ASP A 58 -6.30 13.49 14.66
N ASP A 58 -6.30 13.51 14.68
CA ASP A 58 -6.23 14.72 15.45
CA ASP A 58 -6.30 14.75 15.49
C ASP A 58 -6.83 15.94 14.72
C ASP A 58 -6.54 16.04 14.67
N GLY A 59 -6.86 15.88 13.39
CA GLY A 59 -7.34 17.00 12.57
C GLY A 59 -6.27 17.94 12.05
N SER A 60 -4.99 17.61 12.25
CA SER A 60 -3.87 18.42 11.82
C SER A 60 -3.38 18.18 10.38
N LEU A 61 -3.87 17.12 9.77
CA LEU A 61 -3.62 16.79 8.36
C LEU A 61 -4.99 16.44 7.77
N ASP A 62 -5.29 16.87 6.55
CA ASP A 62 -6.62 16.71 5.96
C ASP A 62 -6.80 15.44 5.17
N PHE A 63 -5.81 15.04 4.39
CA PHE A 63 -5.88 13.83 3.57
C PHE A 63 -4.60 13.03 3.66
N THR A 64 -4.72 11.72 3.53
CA THR A 64 -3.53 10.89 3.34
C THR A 64 -3.91 9.58 2.66
N PHE A 65 -2.89 8.79 2.32
CA PHE A 65 -3.06 7.43 1.83
C PHE A 65 -2.80 6.38 2.88
N ALA A 66 -3.55 5.27 2.80
CA ALA A 66 -3.17 4.07 3.54
C ALA A 66 -3.69 2.86 2.83
N GLU A 67 -2.97 1.74 2.99
CA GLU A 67 -3.53 0.45 2.56
C GLU A 67 -4.60 -0.05 3.53
N SER A 68 -5.55 -0.84 3.04
CA SER A 68 -6.47 -1.53 3.94
C SER A 68 -5.72 -2.36 5.02
N ALA A 69 -4.62 -3.01 4.61
CA ALA A 69 -3.80 -3.85 5.53
C ALA A 69 -3.20 -3.04 6.69
N ARG A 70 -2.95 -1.72 6.51
CA ARG A 70 -2.31 -0.91 7.55
C ARG A 70 -3.17 -0.83 8.79
N PHE A 71 -4.48 -1.05 8.65
CA PHE A 71 -5.40 -1.03 9.81
C PHE A 71 -5.27 -2.26 10.72
N GLN A 72 -4.39 -3.19 10.36
CA GLN A 72 -3.94 -4.25 11.25
C GLN A 72 -3.28 -3.66 12.52
N LEU A 73 -2.79 -2.42 12.46
CA LEU A 73 -2.28 -1.74 13.67
C LEU A 73 -3.35 -1.65 14.75
N PHE A 74 -4.61 -1.53 14.36
CA PHE A 74 -5.70 -1.31 15.30
C PHE A 74 -6.63 -2.51 15.48
N TYR A 75 -6.80 -3.27 14.38
CA TYR A 75 -7.66 -4.42 14.32
C TYR A 75 -6.85 -5.56 13.74
N PRO A 76 -6.38 -6.47 14.59
CA PRO A 76 -5.40 -7.45 14.10
C PRO A 76 -5.88 -8.30 12.92
N GLU A 77 -7.17 -8.59 12.87
CA GLU A 77 -7.70 -9.41 11.79
C GLU A 77 -7.57 -8.74 10.44
N ALA A 78 -7.35 -7.41 10.41
CA ALA A 78 -7.19 -6.72 9.13
C ALA A 78 -5.86 -7.05 8.46
N ALA A 79 -4.97 -7.78 9.12
CA ALA A 79 -3.76 -8.25 8.47
C ALA A 79 -4.10 -9.20 7.31
N VAL A 80 -5.32 -9.73 7.28
CA VAL A 80 -5.76 -10.61 6.19
CA VAL A 80 -5.76 -10.60 6.20
C VAL A 80 -5.50 -9.99 4.82
N PHE A 81 -5.53 -8.65 4.73
CA PHE A 81 -5.32 -7.96 3.49
C PHE A 81 -3.89 -8.11 2.94
N ALA A 82 -2.92 -8.46 3.79
CA ALA A 82 -1.54 -8.58 3.40
C ALA A 82 -0.85 -9.88 3.87
N LEU A 83 -1.62 -10.87 4.29
CA LEU A 83 -1.04 -12.22 4.47
C LEU A 83 -0.57 -12.66 3.09
N PRO A 84 0.72 -13.00 2.96
CA PRO A 84 1.14 -13.24 1.57
C PRO A 84 0.37 -14.34 0.85
N TYR A 85 -0.01 -14.04 -0.39
CA TYR A 85 -0.72 -14.95 -1.29
C TYR A 85 -2.21 -15.18 -0.98
N VAL A 86 -2.75 -14.61 0.10
CA VAL A 86 -4.15 -14.78 0.41
C VAL A 86 -5.11 -14.03 -0.54
N ILE A 87 -4.96 -12.72 -0.65
CA ILE A 87 -5.69 -11.92 -1.63
C ILE A 87 -5.07 -12.19 -3.02
N SER A 88 -5.89 -12.71 -3.93
CA SER A 88 -5.42 -13.16 -5.24
C SER A 88 -5.12 -12.02 -6.18
N ASN A 89 -5.99 -11.02 -6.21
CA ASN A 89 -5.84 -9.92 -7.16
C ASN A 89 -6.60 -8.72 -6.71
N TYR A 90 -6.55 -7.65 -7.49
CA TYR A 90 -7.28 -6.46 -7.09
C TYR A 90 -8.81 -6.60 -7.03
N ASN A 91 -9.37 -7.41 -7.94
CA ASN A 91 -10.79 -7.69 -7.90
C ASN A 91 -11.18 -8.19 -6.49
N VAL A 92 -10.39 -9.12 -5.95
CA VAL A 92 -10.64 -9.63 -4.61
C VAL A 92 -10.44 -8.54 -3.58
N ALA A 93 -9.37 -7.73 -3.70
CA ALA A 93 -9.20 -6.64 -2.71
C ALA A 93 -10.39 -5.67 -2.65
N GLN A 94 -11.01 -5.36 -3.79
CA GLN A 94 -12.14 -4.44 -3.81
C GLN A 94 -13.34 -5.06 -3.12
N LYS A 95 -13.61 -6.33 -3.43
CA LYS A 95 -14.76 -7.02 -2.85
C LYS A 95 -14.54 -7.29 -1.35
N ALA A 96 -13.28 -7.55 -0.97
CA ALA A 96 -12.95 -7.80 0.44
C ALA A 96 -13.30 -6.57 1.26
N LEU A 97 -12.96 -5.40 0.74
CA LEU A 97 -13.20 -4.19 1.52
C LEU A 97 -14.68 -3.76 1.53
N PHE A 98 -15.30 -3.76 0.36
CA PHE A 98 -16.65 -3.18 0.20
C PHE A 98 -17.81 -4.15 0.31
N ASP A 99 -17.54 -5.43 0.08
CA ASP A 99 -18.65 -6.41 -0.12
C ASP A 99 -18.58 -7.61 0.80
N THR A 100 -17.86 -7.49 1.90
CA THR A 100 -17.87 -8.48 2.97
C THR A 100 -18.35 -7.79 4.25
N GLU A 101 -18.87 -8.61 5.16
CA GLU A 101 -19.27 -8.07 6.46
C GLU A 101 -18.05 -7.53 7.19
N PHE A 102 -16.96 -8.28 7.10
CA PHE A 102 -15.71 -7.86 7.67
C PHE A 102 -15.26 -6.47 7.18
N GLY A 103 -15.26 -6.24 5.87
CA GLY A 103 -14.78 -4.99 5.33
C GLY A 103 -15.68 -3.82 5.62
N LYS A 104 -17.00 -4.04 5.51
CA LYS A 104 -17.98 -3.02 5.83
C LYS A 104 -17.85 -2.56 7.30
N ASP A 105 -17.61 -3.50 8.20
CA ASP A 105 -17.38 -3.18 9.62
C ASP A 105 -16.08 -2.42 9.82
N LEU A 106 -15.05 -2.80 9.07
CA LEU A 106 -13.77 -2.10 9.16
C LEU A 106 -13.98 -0.64 8.77
N ILE A 107 -14.72 -0.38 7.69
CA ILE A 107 -14.93 1.01 7.21
C ILE A 107 -15.63 1.83 8.32
N LYS A 108 -16.64 1.23 8.93
CA LYS A 108 -17.35 1.89 10.03
C LYS A 108 -16.44 2.14 11.20
N LYS A 109 -15.58 1.20 11.54
CA LYS A 109 -14.67 1.44 12.65
C LYS A 109 -13.66 2.55 12.35
N MET A 110 -13.15 2.61 11.13
CA MET A 110 -12.24 3.69 10.75
C MET A 110 -12.84 5.07 11.04
N ASP A 111 -14.11 5.22 10.73
CA ASP A 111 -14.88 6.42 10.99
C ASP A 111 -15.06 6.65 12.50
N LYS A 112 -15.60 5.67 13.22
CA LYS A 112 -15.87 5.78 14.69
C LYS A 112 -14.67 5.88 15.61
N ASP A 113 -13.70 5.02 15.40
CA ASP A 113 -12.60 4.94 16.34
C ASP A 113 -11.42 5.76 15.93
N LEU A 114 -11.19 5.90 14.60
CA LEU A 114 -9.92 6.44 14.10
C LEU A 114 -10.02 7.84 13.45
N GLY A 115 -11.26 8.37 13.41
CA GLY A 115 -11.54 9.71 12.90
C GLY A 115 -11.28 9.94 11.43
N VAL A 116 -11.47 8.91 10.61
CA VAL A 116 -11.15 8.99 9.19
CA VAL A 116 -11.13 8.96 9.19
C VAL A 116 -12.31 8.47 8.32
N THR A 117 -12.60 9.20 7.23
CA THR A 117 -13.62 8.83 6.27
C THR A 117 -12.92 8.28 5.02
N LEU A 118 -13.33 7.10 4.61
CA LEU A 118 -12.85 6.44 3.38
C LEU A 118 -13.54 7.04 2.17
N LEU A 119 -12.79 7.70 1.32
CA LEU A 119 -13.39 8.36 0.14
C LEU A 119 -13.37 7.41 -1.10
N SER A 120 -12.30 6.69 -1.31
CA SER A 120 -12.16 5.83 -2.48
C SER A 120 -10.97 4.86 -2.27
N GLN A 121 -10.96 3.81 -3.07
CA GLN A 121 -9.93 2.78 -3.09
C GLN A 121 -9.40 2.61 -4.49
N ALA A 122 -8.07 2.62 -4.57
CA ALA A 122 -7.30 2.33 -5.78
C ALA A 122 -6.39 1.11 -5.62
N TYR A 123 -5.93 0.60 -6.77
CA TYR A 123 -4.82 -0.38 -6.85
C TYR A 123 -3.48 0.33 -6.77
N ASN A 124 -2.56 -0.25 -5.97
CA ASN A 124 -1.20 0.30 -5.79
C ASN A 124 -0.09 -0.68 -6.16
N GLY A 125 -0.41 -1.70 -6.95
CA GLY A 125 0.54 -2.64 -7.42
C GLY A 125 0.67 -3.90 -6.59
N THR A 126 1.25 -4.91 -7.24
CA THR A 126 1.64 -6.16 -6.57
C THR A 126 3.14 -6.18 -6.25
N ARG A 127 3.46 -6.51 -5.00
CA ARG A 127 4.85 -6.45 -4.52
C ARG A 127 5.68 -7.56 -5.16
N GLN A 128 6.92 -7.21 -5.52
CA GLN A 128 7.89 -8.13 -6.11
C GLN A 128 9.17 -7.97 -5.28
N THR A 129 10.23 -8.71 -5.61
CA THR A 129 11.44 -8.68 -4.80
C THR A 129 12.68 -8.36 -5.63
N THR A 130 13.35 -7.24 -5.34
CA THR A 130 14.63 -6.95 -5.99
C THR A 130 15.73 -7.39 -5.07
N SER A 131 16.91 -7.61 -5.64
CA SER A 131 18.09 -7.98 -4.83
C SER A 131 19.39 -7.75 -5.56
N ASN A 132 20.51 -7.90 -4.82
CA ASN A 132 21.83 -7.76 -5.36
C ASN A 132 22.46 -9.08 -5.82
N ARG A 133 21.66 -10.14 -5.67
CA ARG A 133 22.02 -11.45 -6.27
C ARG A 133 20.76 -12.10 -6.78
N ALA A 134 20.89 -13.00 -7.75
CA ALA A 134 19.74 -13.67 -8.37
C ALA A 134 18.91 -14.44 -7.37
N ILE A 135 17.58 -14.31 -7.48
CA ILE A 135 16.64 -15.16 -6.76
C ILE A 135 16.02 -16.16 -7.75
N ASN A 136 16.65 -17.33 -7.88
CA ASN A 136 16.17 -18.34 -8.82
C ASN A 136 15.18 -19.32 -8.20
N SER A 137 15.20 -19.40 -6.87
CA SER A 137 14.35 -20.25 -6.13
CA SER A 137 14.34 -20.29 -6.09
C SER A 137 14.25 -19.73 -4.69
N ILE A 138 13.34 -20.29 -3.91
CA ILE A 138 13.21 -19.92 -2.51
C ILE A 138 14.55 -20.09 -1.79
N ALA A 139 15.41 -21.01 -2.27
CA ALA A 139 16.72 -21.25 -1.60
C ALA A 139 17.57 -19.99 -1.54
N ASP A 140 17.42 -19.13 -2.55
CA ASP A 140 18.24 -17.91 -2.63
C ASP A 140 17.82 -16.86 -1.59
N MET A 141 16.66 -17.01 -1.01
CA MET A 141 16.21 -16.06 0.02
C MET A 141 16.90 -16.28 1.34
N LYS A 142 17.53 -17.44 1.52
CA LYS A 142 18.12 -17.79 2.79
C LYS A 142 19.21 -16.81 3.19
N GLY A 143 18.99 -16.15 4.33
CA GLY A 143 19.93 -15.14 4.83
C GLY A 143 19.98 -13.81 4.08
N LEU A 144 19.15 -13.65 3.04
CA LEU A 144 19.09 -12.40 2.28
C LEU A 144 18.64 -11.31 3.24
N LYS A 145 19.40 -10.23 3.31
CA LYS A 145 19.00 -9.12 4.18
C LYS A 145 17.93 -8.28 3.49
N LEU A 146 16.67 -8.59 3.77
CA LEU A 146 15.57 -8.06 2.96
C LEU A 146 14.95 -6.86 3.69
N GLU A 147 15.13 -5.67 3.13
CA GLU A 147 14.55 -4.46 3.71
C GLU A 147 13.04 -4.50 3.48
N VAL A 148 12.30 -4.11 4.51
CA VAL A 148 10.83 -4.08 4.48
C VAL A 148 10.33 -2.88 5.29
N PRO A 149 9.11 -2.41 4.99
CA PRO A 149 8.46 -1.42 5.88
C PRO A 149 8.22 -2.03 7.24
N ASN A 150 8.09 -1.20 8.28
CA ASN A 150 7.80 -1.70 9.59
C ASN A 150 6.32 -2.05 9.72
N ALA A 151 5.96 -3.22 9.19
CA ALA A 151 4.61 -3.69 9.15
C ALA A 151 4.75 -5.22 9.32
N ALA A 152 3.91 -5.75 10.19
CA ALA A 152 4.04 -7.16 10.61
C ALA A 152 3.99 -8.16 9.46
N THR A 153 3.09 -7.89 8.53
CA THR A 153 2.89 -8.74 7.36
C THR A 153 4.11 -8.79 6.41
N ASN A 154 4.83 -7.68 6.23
CA ASN A 154 6.01 -7.69 5.40
C ASN A 154 7.19 -8.36 6.15
N LEU A 155 7.28 -8.12 7.47
CA LEU A 155 8.29 -8.77 8.29
C LEU A 155 8.10 -10.29 8.23
N ALA A 156 6.84 -10.74 8.27
CA ALA A 156 6.50 -12.15 8.22
C ALA A 156 6.80 -12.75 6.83
N TYR A 157 6.47 -12.04 5.76
CA TYR A 157 6.91 -12.47 4.44
C TYR A 157 8.40 -12.85 4.45
N ALA A 158 9.25 -11.91 4.90
CA ALA A 158 10.70 -12.09 4.91
C ALA A 158 11.07 -13.30 5.79
N LYS A 159 10.49 -13.37 6.98
CA LYS A 159 10.81 -14.44 7.94
C LYS A 159 10.48 -15.81 7.37
N TYR A 160 9.26 -15.96 6.90
CA TYR A 160 8.79 -17.28 6.47
C TYR A 160 9.44 -17.82 5.19
N VAL A 161 9.96 -16.97 4.32
CA VAL A 161 10.70 -17.48 3.15
C VAL A 161 12.18 -17.76 3.48
N GLY A 162 12.59 -17.46 4.72
CA GLY A 162 13.92 -17.74 5.20
C GLY A 162 14.87 -16.55 5.17
N ALA A 163 14.37 -15.34 4.82
CA ALA A 163 15.23 -14.15 4.74
C ALA A 163 15.40 -13.49 6.10
N SER A 164 16.27 -12.48 6.15
CA SER A 164 16.53 -11.75 7.39
CA SER A 164 16.55 -11.75 7.37
C SER A 164 15.99 -10.34 7.22
N PRO A 165 14.82 -10.07 7.82
CA PRO A 165 14.23 -8.77 7.55
C PRO A 165 14.89 -7.63 8.30
N THR A 166 15.00 -6.47 7.65
CA THR A 166 15.48 -5.24 8.29
C THR A 166 14.43 -4.20 7.99
N PRO A 167 13.63 -3.84 9.00
CA PRO A 167 12.69 -2.74 8.78
C PRO A 167 13.38 -1.39 8.73
N MET A 168 12.90 -0.53 7.82
CA MET A 168 13.51 0.79 7.59
C MET A 168 12.44 1.77 7.13
N ALA A 169 12.77 3.05 7.26
CA ALA A 169 11.95 4.10 6.65
C ALA A 169 12.19 4.10 5.15
N PHE A 170 11.12 4.35 4.38
CA PHE A 170 11.17 4.32 2.88
C PHE A 170 12.24 5.24 2.31
N SER A 171 12.38 6.41 2.92
CA SER A 171 13.39 7.37 2.47
C SER A 171 14.82 6.87 2.55
N GLU A 172 15.07 5.92 3.44
N GLU A 172 15.07 5.92 3.44
CA GLU A 172 16.42 5.43 3.68
CA GLU A 172 16.43 5.43 3.67
C GLU A 172 16.80 4.26 2.76
C GLU A 172 16.80 4.24 2.79
N VAL A 173 15.84 3.72 2.03
CA VAL A 173 16.07 2.43 1.36
C VAL A 173 17.10 2.50 0.23
N TYR A 174 17.04 3.55 -0.60
CA TYR A 174 17.92 3.66 -1.73
C TYR A 174 19.38 3.55 -1.30
N LEU A 175 19.75 4.31 -0.28
CA LEU A 175 21.14 4.29 0.22
C LEU A 175 21.49 2.92 0.81
N ALA A 176 20.54 2.32 1.55
CA ALA A 176 20.78 0.99 2.12
C ALA A 176 21.08 -0.03 1.02
N LEU A 177 20.40 0.07 -0.12
CA LEU A 177 20.61 -0.87 -1.23
C LEU A 177 21.95 -0.63 -1.89
N GLN A 178 22.23 0.65 -2.14
CA GLN A 178 23.41 1.10 -2.83
C GLN A 178 24.68 0.70 -2.11
N THR A 179 24.65 0.83 -0.78
CA THR A 179 25.77 0.47 0.09
C THR A 179 25.85 -1.02 0.44
N ASN A 180 24.82 -1.76 0.03
CA ASN A 180 24.67 -3.17 0.36
C ASN A 180 24.63 -3.42 1.83
N ALA A 181 24.19 -2.42 2.61
CA ALA A 181 23.86 -2.62 3.99
C ALA A 181 22.71 -3.61 4.08
N VAL A 182 21.83 -3.61 3.06
CA VAL A 182 20.81 -4.65 2.89
C VAL A 182 20.96 -5.22 1.49
N ASP A 183 20.33 -6.36 1.23
CA ASP A 183 20.55 -7.10 -0.01
C ASP A 183 19.37 -6.95 -0.97
N GLY A 184 18.25 -6.40 -0.51
CA GLY A 184 17.07 -6.32 -1.40
C GLY A 184 15.92 -5.58 -0.73
N GLN A 185 14.89 -5.33 -1.51
CA GLN A 185 13.62 -4.81 -1.01
C GLN A 185 12.45 -5.41 -1.77
N GLU A 186 11.21 -5.05 -1.40
CA GLU A 186 10.03 -5.75 -1.94
C GLU A 186 8.75 -4.93 -2.22
N ASN A 187 8.95 -3.79 -2.86
CA ASN A 187 7.83 -2.97 -3.33
C ASN A 187 7.25 -3.46 -4.67
N PRO A 188 6.08 -2.95 -5.03
CA PRO A 188 5.64 -3.14 -6.42
C PRO A 188 6.56 -2.47 -7.44
N LEU A 189 6.47 -2.93 -8.69
CA LEU A 189 7.33 -2.41 -9.76
C LEU A 189 7.27 -0.91 -9.91
N ALA A 190 6.10 -0.31 -9.71
CA ALA A 190 5.99 1.14 -9.94
C ALA A 190 6.87 1.93 -8.96
N ALA A 191 6.98 1.43 -7.72
CA ALA A 191 7.86 2.05 -6.72
C ALA A 191 9.33 1.79 -6.99
N VAL A 192 9.65 0.61 -7.51
CA VAL A 192 11.04 0.34 -7.95
C VAL A 192 11.49 1.38 -9.00
N GLN A 193 10.55 1.74 -9.87
CA GLN A 193 10.80 2.77 -10.88
C GLN A 193 10.88 4.15 -10.19
N ALA A 194 9.86 4.52 -9.44
CA ALA A 194 9.74 5.87 -8.93
C ALA A 194 10.93 6.23 -8.02
N GLN A 195 11.32 5.28 -7.16
CA GLN A 195 12.46 5.43 -6.24
C GLN A 195 13.84 5.17 -6.90
N LYS A 196 13.82 4.73 -8.16
CA LYS A 196 15.02 4.37 -8.91
C LYS A 196 15.84 3.31 -8.20
N PHE A 197 15.16 2.38 -7.56
CA PHE A 197 15.84 1.23 -6.98
C PHE A 197 16.52 0.35 -8.01
N TYR A 198 16.07 0.38 -9.26
CA TYR A 198 16.75 -0.33 -10.35
C TYR A 198 18.20 0.17 -10.61
N GLU A 199 18.53 1.37 -10.16
CA GLU A 199 19.90 1.91 -10.33
C GLU A 199 20.87 1.16 -9.42
N VAL A 200 20.33 0.57 -8.36
CA VAL A 200 21.12 -0.01 -7.27
C VAL A 200 20.74 -1.47 -6.95
N GLN A 201 20.05 -2.14 -7.89
CA GLN A 201 19.65 -3.54 -7.75
C GLN A 201 19.80 -4.22 -9.09
N LYS A 202 20.62 -5.27 -9.15
CA LYS A 202 20.87 -5.90 -10.45
C LYS A 202 19.83 -6.96 -10.85
N PHE A 203 18.98 -7.34 -9.90
CA PHE A 203 18.05 -8.44 -10.05
C PHE A 203 16.63 -8.11 -9.58
N LEU A 204 15.67 -8.69 -10.27
CA LEU A 204 14.22 -8.57 -9.92
C LEU A 204 13.58 -9.95 -10.05
N ALA A 205 12.93 -10.42 -8.98
CA ALA A 205 12.23 -11.69 -8.93
C ALA A 205 10.73 -11.49 -8.78
N MET A 206 9.97 -12.22 -9.60
CA MET A 206 8.52 -12.09 -9.62
C MET A 206 7.88 -12.96 -8.53
N THR A 207 8.01 -12.50 -7.29
CA THR A 207 7.47 -13.20 -6.13
C THR A 207 5.95 -13.01 -5.92
N ASN A 208 5.38 -11.93 -6.49
CA ASN A 208 3.93 -11.75 -6.48
C ASN A 208 3.26 -11.94 -5.11
N HIS A 209 3.90 -11.44 -4.05
CA HIS A 209 3.63 -11.98 -2.72
C HIS A 209 2.52 -11.25 -1.94
N ILE A 210 2.38 -9.93 -2.16
CA ILE A 210 1.38 -9.10 -1.47
C ILE A 210 0.77 -8.11 -2.46
N LEU A 211 -0.56 -7.98 -2.38
CA LEU A 211 -1.31 -7.13 -3.28
C LEU A 211 -1.65 -5.84 -2.53
N ASN A 212 -1.10 -4.69 -2.98
CA ASN A 212 -1.42 -3.41 -2.32
C ASN A 212 -2.62 -2.69 -2.97
N ASP A 213 -3.56 -2.26 -2.12
CA ASP A 213 -4.52 -1.24 -2.50
C ASP A 213 -4.06 0.11 -1.98
N GLN A 214 -4.88 1.14 -2.14
CA GLN A 214 -4.54 2.48 -1.66
C GLN A 214 -5.84 3.20 -1.39
N LEU A 215 -6.03 3.62 -0.14
CA LEU A 215 -7.25 4.31 0.26
C LEU A 215 -7.03 5.82 0.32
N TYR A 216 -7.91 6.58 -0.32
CA TYR A 216 -7.93 8.05 -0.23
C TYR A 216 -8.77 8.33 1.04
N LEU A 217 -8.14 8.91 2.05
CA LEU A 217 -8.72 9.11 3.39
C LEU A 217 -8.76 10.59 3.69
N VAL A 218 -9.83 11.01 4.38
CA VAL A 218 -9.98 12.40 4.84
C VAL A 218 -10.23 12.40 6.34
N SER A 219 -9.63 13.36 7.02
CA SER A 219 -9.88 13.59 8.44
C SER A 219 -11.35 13.93 8.66
N ASN A 220 -12.01 13.26 9.61
CA ASN A 220 -13.36 13.64 9.95
C ASN A 220 -13.46 15.09 10.40
N GLU A 221 -12.44 15.64 11.08
N GLU A 221 -12.43 15.61 11.08
CA GLU A 221 -12.55 17.02 11.56
CA GLU A 221 -12.46 16.98 11.58
C GLU A 221 -12.59 17.99 10.40
C GLU A 221 -12.58 17.97 10.42
N THR A 222 -11.95 17.65 9.29
CA THR A 222 -12.04 18.46 8.08
C THR A 222 -13.32 18.18 7.30
N TYR A 223 -13.65 16.91 7.07
CA TYR A 223 -14.80 16.58 6.25
C TYR A 223 -16.12 17.14 6.82
N LYS A 224 -16.26 17.09 8.16
CA LYS A 224 -17.47 17.59 8.84
C LYS A 224 -17.64 19.09 8.67
N GLU A 225 -16.56 19.83 8.43
CA GLU A 225 -16.70 21.29 8.30
C GLU A 225 -17.06 21.76 6.88
N LEU A 226 -16.93 20.88 5.91
CA LEU A 226 -17.23 21.23 4.53
C LEU A 226 -18.75 21.17 4.32
N PRO A 227 -19.37 22.21 3.77
CA PRO A 227 -20.78 22.08 3.44
C PRO A 227 -20.99 20.87 2.51
N GLU A 228 -22.15 20.28 2.54
CA GLU A 228 -22.38 19.02 1.81
C GLU A 228 -22.10 19.08 0.31
N ASP A 229 -22.27 20.25 -0.33
CA ASP A 229 -21.93 20.38 -1.77
C ASP A 229 -20.42 20.25 -1.99
N LEU A 230 -19.64 20.72 -1.04
CA LEU A 230 -18.20 20.59 -1.11
C LEU A 230 -17.74 19.19 -0.68
N GLN A 231 -18.46 18.56 0.27
CA GLN A 231 -18.21 17.19 0.56
C GLN A 231 -18.36 16.34 -0.72
N LYS A 232 -19.42 16.60 -1.49
CA LYS A 232 -19.65 15.88 -2.73
CA LYS A 232 -19.64 15.87 -2.72
C LYS A 232 -18.52 16.14 -3.73
N VAL A 233 -18.07 17.39 -3.85
CA VAL A 233 -16.93 17.70 -4.73
C VAL A 233 -15.76 16.81 -4.35
N VAL A 234 -15.45 16.76 -3.05
CA VAL A 234 -14.27 15.99 -2.60
C VAL A 234 -14.44 14.48 -2.84
N LYS A 235 -15.63 13.94 -2.53
CA LYS A 235 -15.89 12.53 -2.71
C LYS A 235 -15.81 12.19 -4.21
N ASP A 236 -16.44 12.99 -5.06
CA ASP A 236 -16.49 12.68 -6.48
C ASP A 236 -15.08 12.72 -7.05
N ALA A 237 -14.31 13.71 -6.61
CA ALA A 237 -12.91 13.87 -7.07
C ALA A 237 -12.04 12.68 -6.63
N ALA A 238 -12.27 12.20 -5.41
CA ALA A 238 -11.53 11.05 -4.90
C ALA A 238 -11.81 9.80 -5.70
N GLU A 239 -13.07 9.64 -6.08
CA GLU A 239 -13.47 8.47 -6.90
C GLU A 239 -12.88 8.54 -8.29
N ASN A 240 -12.87 9.74 -8.87
CA ASN A 240 -12.30 9.93 -10.21
C ASN A 240 -10.79 9.68 -10.17
N ALA A 241 -10.12 10.25 -9.16
CA ALA A 241 -8.67 10.06 -9.03
C ALA A 241 -8.33 8.57 -8.81
N ALA A 242 -9.14 7.86 -8.02
CA ALA A 242 -8.84 6.45 -7.76
C ALA A 242 -8.89 5.61 -9.02
N LYS A 243 -9.85 5.87 -9.90
CA LYS A 243 -9.88 5.14 -11.18
C LYS A 243 -8.62 5.41 -11.99
N TYR A 244 -8.18 6.65 -12.01
CA TYR A 244 -6.96 7.02 -12.74
C TYR A 244 -5.71 6.40 -12.11
N HIS A 245 -5.64 6.44 -10.80
CA HIS A 245 -4.59 5.81 -9.99
C HIS A 245 -4.44 4.33 -10.34
N THR A 246 -5.56 3.59 -10.28
CA THR A 246 -5.55 2.17 -10.66
C THR A 246 -5.04 1.95 -12.06
N LYS A 247 -5.53 2.78 -13.00
CA LYS A 247 -5.07 2.68 -14.40
C LYS A 247 -3.55 2.89 -14.57
N LEU A 248 -2.96 3.84 -13.87
CA LEU A 248 -1.52 4.02 -13.91
C LEU A 248 -0.78 2.73 -13.52
N PHE A 249 -1.25 2.09 -12.47
CA PHE A 249 -0.62 0.89 -12.00
C PHE A 249 -0.85 -0.29 -12.94
N VAL A 250 -2.09 -0.48 -13.38
CA VAL A 250 -2.36 -1.58 -14.31
C VAL A 250 -1.51 -1.44 -15.60
N ASP A 251 -1.45 -0.23 -16.13
CA ASP A 251 -0.65 -0.01 -17.36
C ASP A 251 0.85 -0.23 -17.12
N GLY A 252 1.36 0.21 -16.01
CA GLY A 252 2.76 0.04 -15.72
C GLY A 252 3.17 -1.41 -15.62
N GLU A 253 2.30 -2.23 -15.05
CA GLU A 253 2.66 -3.60 -14.80
C GLU A 253 2.82 -4.37 -16.11
N LYS A 254 2.21 -3.85 -17.16
CA LYS A 254 2.31 -4.40 -18.51
C LYS A 254 3.70 -4.20 -19.07
N ASP A 255 4.32 -3.09 -18.71
CA ASP A 255 5.44 -2.52 -19.44
C ASP A 255 6.72 -2.52 -18.60
N LEU A 256 6.59 -2.50 -17.27
CA LEU A 256 7.76 -2.18 -16.48
C LEU A 256 8.85 -3.25 -16.49
N VAL A 257 8.49 -4.53 -16.62
CA VAL A 257 9.53 -5.57 -16.65
C VAL A 257 10.46 -5.28 -17.84
N THR A 258 9.90 -4.89 -18.96
CA THR A 258 10.73 -4.58 -20.14
C THR A 258 11.58 -3.32 -19.96
N PHE A 259 11.03 -2.32 -19.26
CA PHE A 259 11.76 -1.12 -18.88
C PHE A 259 12.99 -1.48 -18.03
N PHE A 260 12.81 -2.36 -17.05
CA PHE A 260 13.94 -2.66 -16.17
C PHE A 260 15.02 -3.45 -16.93
N GLU A 261 14.60 -4.34 -17.81
CA GLU A 261 15.56 -5.09 -18.64
C GLU A 261 16.48 -4.15 -19.42
N LYS A 262 15.92 -3.04 -19.90
CA LYS A 262 16.67 -2.12 -20.71
C LYS A 262 17.57 -1.25 -19.82
N GLN A 263 17.27 -1.18 -18.52
CA GLN A 263 18.17 -0.57 -17.56
C GLN A 263 19.23 -1.56 -17.05
N GLY A 264 19.18 -2.80 -17.53
CA GLY A 264 20.22 -3.76 -17.20
C GLY A 264 19.89 -4.73 -16.06
N VAL A 265 18.64 -4.72 -15.60
CA VAL A 265 18.20 -5.59 -14.53
C VAL A 265 17.89 -6.95 -15.10
N LYS A 266 18.32 -8.02 -14.41
CA LYS A 266 17.97 -9.40 -14.78
C LYS A 266 16.73 -9.85 -14.03
N ILE A 267 15.78 -10.40 -14.77
CA ILE A 267 14.49 -10.80 -14.22
C ILE A 267 14.47 -12.29 -14.04
N THR A 268 14.03 -12.74 -12.87
CA THR A 268 13.78 -14.14 -12.60
C THR A 268 12.32 -14.45 -12.24
N HIS A 269 11.97 -15.72 -12.43
CA HIS A 269 10.65 -16.22 -12.23
C HIS A 269 10.76 -17.48 -11.37
N PRO A 270 11.11 -17.31 -10.08
CA PRO A 270 11.21 -18.47 -9.21
C PRO A 270 9.88 -19.20 -9.08
N ASP A 271 9.95 -20.52 -8.82
CA ASP A 271 8.76 -21.34 -8.63
C ASP A 271 8.09 -20.88 -7.34
N LEU A 272 6.85 -20.41 -7.47
CA LEU A 272 6.15 -19.88 -6.34
C LEU A 272 5.51 -20.92 -5.45
N VAL A 273 5.46 -22.19 -5.87
CA VAL A 273 4.84 -23.19 -5.03
C VAL A 273 5.55 -23.29 -3.67
N PRO A 274 6.90 -23.32 -3.64
CA PRO A 274 7.52 -23.32 -2.28
C PRO A 274 7.30 -22.02 -1.48
N PHE A 275 7.22 -20.88 -2.17
CA PHE A 275 6.92 -19.62 -1.47
C PHE A 275 5.54 -19.70 -0.79
N LYS A 276 4.53 -20.18 -1.51
CA LYS A 276 3.21 -20.32 -0.96
C LYS A 276 3.14 -21.35 0.17
N GLU A 277 3.82 -22.48 -0.03
CA GLU A 277 3.91 -23.52 1.01
C GLU A 277 4.51 -22.91 2.30
N SER A 278 5.54 -22.08 2.15
CA SER A 278 6.26 -21.54 3.33
C SER A 278 5.35 -20.68 4.21
N MET A 279 4.25 -20.17 3.65
CA MET A 279 3.34 -19.33 4.40
C MET A 279 2.29 -20.10 5.22
N LYS A 280 2.16 -21.41 5.00
CA LYS A 280 1.14 -22.16 5.73
C LYS A 280 1.30 -22.05 7.28
N PRO A 281 2.53 -22.15 7.81
CA PRO A 281 2.63 -21.93 9.24
C PRO A 281 2.32 -20.48 9.69
N TYR A 282 2.57 -19.50 8.83
CA TYR A 282 2.21 -18.14 9.17
C TYR A 282 0.68 -17.99 9.23
N TYR A 283 -0.07 -18.58 8.30
CA TYR A 283 -1.53 -18.44 8.37
C TYR A 283 -2.05 -19.05 9.67
N ALA A 284 -1.44 -20.16 10.06
CA ALA A 284 -1.83 -20.81 11.34
C ALA A 284 -1.57 -19.89 12.53
N GLU A 285 -0.40 -19.27 12.54
CA GLU A 285 -0.06 -18.34 13.59
C GLU A 285 -1.03 -17.16 13.59
N PHE A 286 -1.39 -16.65 12.41
CA PHE A 286 -2.40 -15.61 12.31
C PHE A 286 -3.73 -15.99 12.92
N VAL A 287 -4.20 -17.19 12.62
CA VAL A 287 -5.45 -17.67 13.19
C VAL A 287 -5.35 -17.87 14.72
N LYS A 288 -4.21 -18.34 15.19
CA LYS A 288 -3.95 -18.51 16.66
C LYS A 288 -4.00 -17.16 17.35
N GLN A 289 -3.37 -16.14 16.77
CA GLN A 289 -3.32 -14.83 17.44
C GLN A 289 -4.62 -14.06 17.33
N THR A 290 -5.29 -14.13 16.18
CA THR A 290 -6.46 -13.27 15.92
C THR A 290 -7.82 -13.94 16.21
N GLY A 291 -7.78 -15.25 16.44
CA GLY A 291 -8.94 -15.97 16.93
C GLY A 291 -10.05 -16.03 15.90
N GLN A 292 -11.30 -16.04 16.36
CA GLN A 292 -12.41 -16.23 15.43
C GLN A 292 -12.61 -15.07 14.49
N LYS A 293 -12.25 -13.86 14.88
CA LYS A 293 -12.40 -12.70 14.00
C LYS A 293 -11.49 -12.87 12.79
N GLY A 294 -10.29 -13.40 13.03
CA GLY A 294 -9.34 -13.68 11.97
C GLY A 294 -9.81 -14.83 11.06
N GLU A 295 -10.31 -15.91 11.66
CA GLU A 295 -10.76 -17.08 10.91
C GLU A 295 -11.93 -16.66 10.02
N SER A 296 -12.81 -15.82 10.55
CA SER A 296 -13.98 -15.38 9.80
C SER A 296 -13.55 -14.46 8.63
N ALA A 297 -12.66 -13.52 8.91
CA ALA A 297 -12.20 -12.67 7.84
C ALA A 297 -11.57 -13.46 6.70
N LEU A 298 -10.76 -14.48 7.04
CA LEU A 298 -10.14 -15.36 6.05
C LEU A 298 -11.20 -16.09 5.23
N LYS A 299 -12.21 -16.64 5.92
CA LYS A 299 -13.30 -17.35 5.25
C LYS A 299 -14.02 -16.44 4.28
N GLN A 300 -14.34 -15.24 4.72
CA GLN A 300 -15.10 -14.32 3.88
C GLN A 300 -14.31 -13.95 2.64
N ILE A 301 -13.01 -13.74 2.81
CA ILE A 301 -12.14 -13.40 1.68
C ILE A 301 -11.92 -14.60 0.75
N GLU A 302 -11.68 -15.78 1.33
CA GLU A 302 -11.46 -16.98 0.53
C GLU A 302 -12.71 -17.37 -0.31
N ALA A 303 -13.91 -16.93 0.09
CA ALA A 303 -15.11 -17.12 -0.69
C ALA A 303 -15.27 -16.24 -1.95
N ILE A 304 -14.44 -15.22 -2.08
CA ILE A 304 -14.58 -14.29 -3.18
C ILE A 304 -13.97 -14.88 -4.43
N ASN A 305 -14.75 -15.03 -5.50
N ASN A 305 -14.78 -14.92 -5.50
CA ASN A 305 -14.17 -15.53 -6.72
CA ASN A 305 -14.33 -15.31 -6.86
C ASN A 305 -13.36 -14.39 -7.38
C ASN A 305 -13.36 -14.26 -7.44
N PRO A 306 -12.15 -14.68 -7.86
CA PRO A 306 -11.26 -13.62 -8.40
C PRO A 306 -11.50 -13.16 -9.82
N HIS A 307 -12.33 -13.89 -10.56
CA HIS A 307 -12.69 -13.54 -11.90
C HIS A 307 -13.82 -12.49 -11.96
N HIS A 308 -13.59 -11.43 -12.74
CA HIS A 308 -14.58 -10.34 -12.91
C HIS A 308 -15.88 -10.87 -13.55
C1 SLM B . 7.65 0.89 1.82
C2 SLM B . 6.21 1.09 1.31
C3 SLM B . 6.06 2.51 0.70
C4 SLM B . 4.60 2.83 0.43
C5 SLM B . 3.84 2.68 1.74
C6 SLM B . 4.01 1.23 2.22
C7 SLM B . 3.25 0.89 3.49
C8 SLM B . 3.47 -0.57 3.88
C9 SLM B . 2.67 -0.94 5.08
C10 SLM B . 1.84 4.07 2.11
C11 SLM B . 0.33 4.20 1.88
N5 SLM B . 2.41 3.01 1.58
O1A SLM B . 8.44 0.21 1.15
O2 SLM B . 5.90 0.09 0.35
O4 SLM B . 4.50 4.16 -0.12
O6 SLM B . 5.40 0.99 2.44
O7 SLM B . 3.65 1.71 4.57
O8 SLM B . 3.16 -1.45 2.76
O9 SLM B . 1.25 -0.89 4.95
N1 SLM B . 7.95 1.50 2.99
O10 SLM B . 2.45 4.90 2.78
#